data_4RXM
#
_entry.id   4RXM
#
_cell.length_a   84.784
_cell.length_b   120.175
_cell.length_c   137.741
_cell.angle_alpha   90.00
_cell.angle_beta   90.00
_cell.angle_gamma   90.00
#
_symmetry.space_group_name_H-M   'C 2 2 21'
#
loop_
_entity.id
_entity.type
_entity.pdbx_description
1 polymer 'Possible sugar ABC superfamily ATP binding cassette transporter, binding protein'
2 non-polymer 1,2,3,4,5,6-HEXAHYDROXY-CYCLOHEXANE
3 non-polymer beta-D-glucopyranose
4 non-polymer 'CHLORIDE ION'
5 non-polymer 'ASPARTIC ACID'
6 water water
#
_entity_poly.entity_id   1
_entity_poly.type   'polypeptide(L)'
_entity_poly.pdbx_seq_one_letter_code
;SMKDELVVFSLPNLSSPFEVQLQKVAVETSKKLEIKLQVLDGQSSSTKQASDLENAITRGAKGIIISPNDVNAISGAVEE
IIKEKIPAATLDRKVESSKPVPHFGANNYTGGQEVAKAVKAKYPNGAKIILLTGQPGSTSNIERTKGIRDELAAGGDKYK
IVVDQTGNWLRSEGLRIIESVLPTLKEKPEVIISANDDMALGAIEALRSQGLKAGDILVTGFDSTPEALARVKDGWLYLT
ADQRPSFAVSTALEQVVGNIRESKEVSGADYPPKIILKDNLQEAERFAEISE
;
_entity_poly.pdbx_strand_id   A,B
#
loop_
_chem_comp.id
_chem_comp.type
_chem_comp.name
_chem_comp.formula
BGC D-saccharide, beta linking beta-D-glucopyranose 'C6 H12 O6'
CL non-polymer 'CHLORIDE ION' 'Cl -1'
INS non-polymer 1,2,3,4,5,6-HEXAHYDROXY-CYCLOHEXANE 'C6 H12 O6'
#
# COMPACT_ATOMS: atom_id res chain seq x y z
N SER A 1 -1.68 29.97 -19.50
CA SER A 1 -0.21 30.03 -19.79
C SER A 1 0.64 29.49 -18.63
N MET A 2 -0.03 28.81 -17.70
CA MET A 2 0.52 28.40 -16.42
C MET A 2 0.40 26.87 -16.27
N LYS A 3 1.53 26.21 -16.05
CA LYS A 3 1.55 24.77 -15.77
C LYS A 3 2.82 24.39 -15.01
N ASP A 4 2.85 23.15 -14.55
CA ASP A 4 4.03 22.58 -13.87
C ASP A 4 4.34 23.22 -12.50
N GLU A 5 3.39 23.95 -11.93
CA GLU A 5 3.54 24.46 -10.56
C GLU A 5 3.70 23.32 -9.57
N LEU A 6 4.59 23.49 -8.59
CA LEU A 6 4.77 22.49 -7.54
C LEU A 6 3.74 22.54 -6.42
N VAL A 7 3.06 21.42 -6.22
CA VAL A 7 2.15 21.24 -5.10
C VAL A 7 2.65 20.07 -4.30
N VAL A 8 2.64 20.21 -2.99
CA VAL A 8 3.03 19.13 -2.09
C VAL A 8 1.77 18.60 -1.41
N PHE A 9 1.67 17.28 -1.31
CA PHE A 9 0.60 16.59 -0.55
C PHE A 9 1.32 15.76 0.52
N SER A 10 1.21 16.22 1.76
CA SER A 10 1.88 15.59 2.91
C SER A 10 0.91 14.61 3.60
N LEU A 11 1.19 13.32 3.47
CA LEU A 11 0.41 12.27 4.10
C LEU A 11 1.13 11.75 5.34
N PRO A 12 0.37 11.22 6.31
CA PRO A 12 0.97 10.79 7.56
C PRO A 12 1.67 9.44 7.42
N ASN A 13 1.25 8.67 6.44
CA ASN A 13 1.88 7.42 6.06
C ASN A 13 1.42 7.04 4.65
N LEU A 14 2.03 6.01 4.08
CA LEU A 14 1.52 5.37 2.86
C LEU A 14 1.50 3.86 3.05
N SER A 15 1.11 3.43 4.24
CA SER A 15 1.01 2.02 4.58
C SER A 15 -0.46 1.62 4.71
N SER A 16 -1.28 2.51 5.21
CA SER A 16 -2.74 2.21 5.39
C SER A 16 -3.47 2.30 4.06
N PRO A 17 -4.45 1.40 3.80
CA PRO A 17 -5.07 1.43 2.46
C PRO A 17 -5.75 2.76 2.09
N PHE A 18 -6.33 3.48 3.05
CA PHE A 18 -6.97 4.75 2.74
C PHE A 18 -5.94 5.79 2.22
N GLU A 19 -4.83 5.92 2.94
CA GLU A 19 -3.73 6.80 2.52
C GLU A 19 -3.23 6.43 1.14
N VAL A 20 -3.13 5.13 0.86
CA VAL A 20 -2.66 4.68 -0.43
C VAL A 20 -3.60 5.15 -1.53
N GLN A 21 -4.90 5.11 -1.28
CA GLN A 21 -5.88 5.59 -2.25
C GLN A 21 -5.80 7.09 -2.41
N LEU A 22 -5.54 7.82 -1.34
CA LEU A 22 -5.42 9.27 -1.44
C LEU A 22 -4.24 9.62 -2.38
N GLN A 23 -3.17 8.88 -2.23
CA GLN A 23 -1.97 9.11 -3.11
C GLN A 23 -2.32 8.85 -4.57
N LYS A 24 -3.04 7.75 -4.82
CA LYS A 24 -3.45 7.37 -6.18
C LYS A 24 -4.26 8.50 -6.84
N VAL A 25 -5.26 8.99 -6.13
CA VAL A 25 -6.11 10.03 -6.68
C VAL A 25 -5.30 11.32 -6.89
N ALA A 26 -4.37 11.60 -5.99
CA ALA A 26 -3.59 12.81 -6.12
C ALA A 26 -2.71 12.77 -7.33
N VAL A 27 -2.07 11.62 -7.59
CA VAL A 27 -1.19 11.54 -8.75
C VAL A 27 -2.01 11.71 -10.05
N GLU A 28 -3.15 11.05 -10.10
CA GLU A 28 -4.04 11.10 -11.27
C GLU A 28 -4.49 12.52 -11.56
N THR A 29 -4.90 13.18 -10.50
CA THR A 29 -5.37 14.57 -10.57
C THR A 29 -4.26 15.53 -10.98
N SER A 30 -3.07 15.30 -10.46
CA SER A 30 -1.91 16.13 -10.82
C SER A 30 -1.66 16.11 -12.32
N LYS A 31 -1.79 14.93 -12.97
CA LYS A 31 -1.64 14.87 -14.39
C LYS A 31 -2.73 15.64 -15.13
N LYS A 32 -3.98 15.52 -14.65
CA LYS A 32 -5.09 16.18 -15.32
C LYS A 32 -4.98 17.70 -15.26
N LEU A 33 -4.42 18.21 -14.15
CA LEU A 33 -4.30 19.69 -13.95
C LEU A 33 -2.97 20.23 -14.45
N GLU A 34 -2.08 19.32 -14.85
CA GLU A 34 -0.73 19.68 -15.35
C GLU A 34 0.05 20.47 -14.32
N ILE A 35 0.12 19.90 -13.12
CA ILE A 35 0.98 20.40 -12.03
C ILE A 35 2.08 19.38 -11.74
N LYS A 36 3.12 19.81 -11.06
CA LYS A 36 4.12 18.91 -10.47
C LYS A 36 3.67 18.60 -9.08
N LEU A 37 3.81 17.34 -8.68
CA LEU A 37 3.34 16.88 -7.41
C LEU A 37 4.42 16.14 -6.70
N GLN A 38 4.59 16.45 -5.41
CA GLN A 38 5.31 15.56 -4.52
C GLN A 38 4.39 15.05 -3.41
N VAL A 39 4.25 13.73 -3.30
CA VAL A 39 3.48 13.16 -2.18
C VAL A 39 4.50 12.69 -1.12
N LEU A 40 4.54 13.42 -0.02
CA LEU A 40 5.47 13.16 1.08
C LEU A 40 4.86 12.17 2.06
N ASP A 41 5.69 11.28 2.59
CA ASP A 41 5.20 10.12 3.38
C ASP A 41 5.82 10.25 4.77
N GLY A 42 4.98 10.58 5.75
CA GLY A 42 5.38 10.76 7.14
C GLY A 42 5.80 9.50 7.86
N GLN A 43 5.58 8.34 7.24
CA GLN A 43 5.99 7.05 7.84
C GLN A 43 5.47 6.84 9.25
N SER A 44 4.25 7.31 9.49
CA SER A 44 3.60 7.26 10.80
C SER A 44 4.40 7.93 11.90
N SER A 45 5.27 8.88 11.55
CA SER A 45 6.09 9.60 12.52
C SER A 45 5.77 11.09 12.42
N SER A 46 5.40 11.72 13.54
CA SER A 46 5.18 13.17 13.56
C SER A 46 6.46 13.97 13.31
N THR A 47 7.58 13.47 13.82
CA THR A 47 8.88 14.06 13.57
C THR A 47 9.19 14.04 12.08
N LYS A 48 8.96 12.91 11.42
CA LYS A 48 9.20 12.89 9.97
C LYS A 48 8.28 13.82 9.23
N GLN A 49 6.99 13.81 9.56
CA GLN A 49 6.08 14.70 8.85
C GLN A 49 6.42 16.19 9.04
N ALA A 50 6.83 16.56 10.24
CA ALA A 50 7.20 17.96 10.49
C ALA A 50 8.38 18.32 9.59
N SER A 51 9.31 17.39 9.48
CA SER A 51 10.48 17.59 8.61
C SER A 51 10.05 17.69 7.14
N ASP A 52 9.14 16.81 6.74
CA ASP A 52 8.58 16.81 5.38
C ASP A 52 7.99 18.18 5.07
N LEU A 53 7.28 18.76 6.04
CA LEU A 53 6.62 20.06 5.83
C LEU A 53 7.60 21.23 5.76
N GLU A 54 8.68 21.12 6.50
CA GLU A 54 9.79 22.04 6.35
C GLU A 54 10.44 21.93 4.97
N ASN A 55 10.61 20.70 4.48
CA ASN A 55 11.16 20.49 3.15
C ASN A 55 10.24 21.05 2.07
N ALA A 56 8.93 20.99 2.29
CA ALA A 56 7.97 21.52 1.34
C ALA A 56 8.20 23.01 1.12
N ILE A 57 8.53 23.73 2.17
CA ILE A 57 8.83 25.15 2.06
C ILE A 57 10.16 25.35 1.31
N THR A 58 11.20 24.66 1.76
CA THR A 58 12.54 24.74 1.11
C THR A 58 12.52 24.37 -0.38
N ARG A 59 11.70 23.39 -0.72
CA ARG A 59 11.56 22.94 -2.09
C ARG A 59 10.71 23.85 -2.98
N GLY A 60 10.18 24.92 -2.40
CA GLY A 60 9.47 25.92 -3.18
C GLY A 60 8.04 25.54 -3.54
N ALA A 61 7.38 24.75 -2.70
CA ALA A 61 5.96 24.45 -2.94
C ALA A 61 5.11 25.71 -3.12
N LYS A 62 4.26 25.71 -4.14
CA LYS A 62 3.37 26.83 -4.42
C LYS A 62 2.02 26.61 -3.71
N GLY A 63 1.80 25.38 -3.28
CA GLY A 63 0.67 25.04 -2.42
C GLY A 63 0.96 23.76 -1.67
N ILE A 64 0.40 23.63 -0.48
CA ILE A 64 0.63 22.47 0.36
C ILE A 64 -0.70 22.00 0.96
N ILE A 65 -0.99 20.71 0.77
CA ILE A 65 -2.17 20.06 1.38
C ILE A 65 -1.64 19.05 2.38
N ILE A 66 -2.14 19.12 3.61
CA ILE A 66 -1.58 18.38 4.75
C ILE A 66 -2.66 17.46 5.35
N SER A 67 -2.33 16.18 5.54
CA SER A 67 -3.13 15.27 6.39
C SER A 67 -2.28 14.95 7.64
N PRO A 68 -2.47 15.71 8.72
CA PRO A 68 -1.64 15.55 9.92
C PRO A 68 -1.67 14.20 10.62
N ASN A 69 -0.47 13.70 10.94
CA ASN A 69 -0.30 12.51 11.77
C ASN A 69 -0.93 12.65 13.14
N ASP A 70 -0.98 13.88 13.65
CA ASP A 70 -1.34 14.11 15.02
C ASP A 70 -1.99 15.47 15.14
N VAL A 71 -3.00 15.55 15.98
CA VAL A 71 -3.69 16.81 16.25
C VAL A 71 -2.81 17.95 16.77
N ASN A 72 -1.76 17.64 17.56
CA ASN A 72 -0.91 18.68 18.15
C ASN A 72 0.53 18.70 17.65
N ALA A 73 1.10 17.53 17.37
CA ALA A 73 2.56 17.44 17.14
C ALA A 73 3.00 18.11 15.84
N ILE A 74 2.07 18.30 14.91
CA ILE A 74 2.34 18.84 13.57
C ILE A 74 2.03 20.34 13.51
N SER A 75 1.47 20.89 14.58
CA SER A 75 0.97 22.26 14.54
C SER A 75 2.04 23.32 14.27
N GLY A 76 3.23 23.16 14.85
CA GLY A 76 4.29 24.10 14.62
C GLY A 76 4.68 24.16 13.16
N ALA A 77 4.79 23.01 12.53
CA ALA A 77 5.17 22.95 11.10
C ALA A 77 4.10 23.59 10.23
N VAL A 78 2.83 23.37 10.57
CA VAL A 78 1.74 23.99 9.83
C VAL A 78 1.77 25.51 10.00
N GLU A 79 2.15 25.96 11.20
CA GLU A 79 2.24 27.39 11.47
C GLU A 79 3.33 28.04 10.64
N GLU A 80 4.45 27.34 10.42
CA GLU A 80 5.52 27.90 9.59
C GLU A 80 5.00 28.10 8.15
N ILE A 81 4.27 27.11 7.64
CA ILE A 81 3.68 27.22 6.32
C ILE A 81 2.79 28.46 6.18
N ILE A 82 1.94 28.68 7.18
CA ILE A 82 1.02 29.80 7.20
C ILE A 82 1.77 31.12 7.22
N LYS A 83 2.82 31.19 8.03
CA LYS A 83 3.60 32.42 8.13
C LYS A 83 4.32 32.73 6.83
N GLU A 84 4.70 31.71 6.08
CA GLU A 84 5.30 31.90 4.74
C GLU A 84 4.26 32.24 3.66
N LYS A 85 2.97 32.22 4.00
CA LYS A 85 1.89 32.66 3.11
C LYS A 85 1.74 31.75 1.90
N ILE A 86 2.08 30.49 2.09
CA ILE A 86 1.93 29.50 1.06
C ILE A 86 0.50 28.95 1.16
N PRO A 87 -0.27 29.03 0.06
CA PRO A 87 -1.64 28.49 0.04
C PRO A 87 -1.66 27.09 0.64
N ALA A 88 -2.55 26.86 1.60
CA ALA A 88 -2.52 25.57 2.28
C ALA A 88 -3.91 25.13 2.73
N ALA A 89 -4.04 23.83 2.91
CA ALA A 89 -5.30 23.21 3.34
C ALA A 89 -5.00 21.93 4.02
N THR A 90 -5.96 21.45 4.80
CA THR A 90 -5.88 20.13 5.32
C THR A 90 -6.86 19.22 4.59
N LEU A 91 -6.59 17.91 4.66
CA LEU A 91 -7.39 16.91 4.00
C LEU A 91 -7.43 15.66 4.87
N ASP A 92 -8.62 15.11 5.08
CA ASP A 92 -8.83 13.94 5.95
C ASP A 92 -8.62 14.31 7.41
N ARG A 93 -7.36 14.38 7.85
CA ARG A 93 -7.01 14.81 9.17
C ARG A 93 -6.88 16.32 9.24
N LYS A 94 -6.69 16.82 10.45
CA LYS A 94 -6.60 18.25 10.75
C LYS A 94 -5.57 18.48 11.85
N VAL A 95 -5.26 19.75 12.14
CA VAL A 95 -4.57 20.08 13.37
C VAL A 95 -5.48 20.96 14.21
N GLU A 96 -5.30 20.92 15.52
CA GLU A 96 -6.03 21.78 16.42
C GLU A 96 -5.48 23.19 16.21
N SER A 97 -6.36 24.13 15.91
CA SER A 97 -5.96 25.53 15.82
C SER A 97 -7.15 26.46 16.03
N SER A 98 -6.86 27.70 16.43
CA SER A 98 -7.89 28.72 16.61
C SER A 98 -8.18 29.45 15.30
N LYS A 99 -7.34 29.26 14.29
CA LYS A 99 -7.57 29.84 12.96
C LYS A 99 -7.21 28.80 11.88
N PRO A 100 -8.02 27.74 11.78
CA PRO A 100 -7.65 26.64 10.89
C PRO A 100 -7.53 27.06 9.41
N VAL A 101 -6.70 26.34 8.68
CA VAL A 101 -6.71 26.46 7.23
C VAL A 101 -7.93 25.73 6.69
N PRO A 102 -8.32 25.97 5.43
CA PRO A 102 -9.47 25.26 4.88
C PRO A 102 -9.29 23.77 4.91
N HIS A 103 -10.38 23.03 5.09
CA HIS A 103 -10.34 21.60 5.20
C HIS A 103 -11.17 20.93 4.10
N PHE A 104 -10.67 19.79 3.60
CA PHE A 104 -11.34 18.98 2.59
C PHE A 104 -11.57 17.58 3.12
N GLY A 105 -12.82 17.18 3.24
CA GLY A 105 -13.11 15.79 3.58
C GLY A 105 -14.47 15.67 4.24
N ALA A 106 -14.84 14.44 4.46
CA ALA A 106 -16.10 14.11 5.12
C ALA A 106 -16.12 14.58 6.54
N ASN A 107 -17.34 14.90 7.00
CA ASN A 107 -17.58 15.22 8.37
C ASN A 107 -17.56 13.93 9.17
N ASN A 108 -16.47 13.71 9.89
CA ASN A 108 -16.28 12.48 10.65
C ASN A 108 -17.22 12.36 11.82
N TYR A 109 -17.52 13.48 12.48
CA TYR A 109 -18.45 13.43 13.61
C TYR A 109 -19.83 12.97 13.13
N THR A 110 -20.34 13.58 12.07
CA THR A 110 -21.60 13.16 11.46
C THR A 110 -21.52 11.69 11.00
N GLY A 111 -20.42 11.32 10.38
CA GLY A 111 -20.23 9.94 9.95
C GLY A 111 -20.33 8.94 11.10
N GLY A 112 -19.69 9.26 12.22
CA GLY A 112 -19.74 8.44 13.42
C GLY A 112 -21.18 8.34 13.92
N GLN A 113 -21.88 9.46 13.97
CA GLN A 113 -23.31 9.42 14.33
C GLN A 113 -24.10 8.50 13.43
N GLU A 114 -23.87 8.60 12.12
CA GLU A 114 -24.62 7.83 11.13
C GLU A 114 -24.38 6.31 11.28
N VAL A 115 -23.15 5.93 11.58
CA VAL A 115 -22.79 4.53 11.82
C VAL A 115 -23.54 4.04 13.07
N ALA A 116 -23.46 4.82 14.15
CA ALA A 116 -24.17 4.47 15.37
C ALA A 116 -25.68 4.33 15.14
N LYS A 117 -26.27 5.24 14.35
CA LYS A 117 -27.71 5.18 14.10
C LYS A 117 -28.10 3.89 13.40
N ALA A 118 -27.25 3.46 12.48
CA ALA A 118 -27.53 2.23 11.73
C ALA A 118 -27.43 1.03 12.65
N VAL A 119 -26.45 1.05 13.55
CA VAL A 119 -26.33 -0.04 14.54
C VAL A 119 -27.54 -0.09 15.45
N LYS A 120 -27.93 1.07 15.96
CA LYS A 120 -29.10 1.14 16.84
C LYS A 120 -30.36 0.67 16.16
N ALA A 121 -30.51 1.01 14.87
CA ALA A 121 -31.67 0.58 14.11
C ALA A 121 -31.70 -0.93 13.93
N LYS A 122 -30.52 -1.54 13.82
CA LYS A 122 -30.41 -3.02 13.75
C LYS A 122 -30.67 -3.72 15.08
N TYR A 123 -30.42 -3.01 16.18
CA TYR A 123 -30.59 -3.54 17.53
C TYR A 123 -31.41 -2.53 18.34
N PRO A 124 -32.69 -2.41 18.01
CA PRO A 124 -33.49 -1.35 18.63
C PRO A 124 -33.75 -1.48 20.13
N ASN A 125 -33.52 -2.65 20.71
CA ASN A 125 -33.71 -2.84 22.15
C ASN A 125 -32.40 -2.94 22.90
N GLY A 126 -31.31 -2.57 22.24
CA GLY A 126 -29.98 -2.56 22.85
C GLY A 126 -29.02 -3.59 22.31
N ALA A 127 -27.75 -3.41 22.64
CA ALA A 127 -26.70 -4.30 22.20
C ALA A 127 -25.47 -4.15 23.05
N LYS A 128 -24.72 -5.24 23.16
CA LYS A 128 -23.37 -5.19 23.71
C LYS A 128 -22.42 -5.04 22.55
N ILE A 129 -21.55 -4.04 22.66
CA ILE A 129 -20.72 -3.57 21.57
C ILE A 129 -19.22 -3.60 21.87
N ILE A 130 -18.44 -4.12 20.93
CA ILE A 130 -16.99 -3.92 20.96
C ILE A 130 -16.64 -2.76 20.05
N LEU A 131 -15.89 -1.79 20.55
CA LEU A 131 -15.51 -0.61 19.79
C LEU A 131 -14.00 -0.67 19.55
N LEU A 132 -13.59 -0.67 18.29
CA LEU A 132 -12.17 -0.63 17.93
C LEU A 132 -11.93 0.77 17.39
N THR A 133 -11.01 1.50 18.03
CA THR A 133 -10.77 2.89 17.65
C THR A 133 -9.44 3.10 16.92
N GLY A 134 -9.30 4.27 16.33
CA GLY A 134 -8.14 4.57 15.48
C GLY A 134 -6.95 5.12 16.24
N GLN A 135 -5.93 5.57 15.48
CA GLN A 135 -4.76 6.24 16.06
C GLN A 135 -5.25 7.39 16.96
N PRO A 136 -4.96 7.32 18.27
CA PRO A 136 -5.63 8.19 19.23
C PRO A 136 -5.56 9.68 18.93
N GLY A 137 -4.39 10.13 18.49
CA GLY A 137 -4.18 11.55 18.24
C GLY A 137 -4.57 12.04 16.85
N SER A 138 -5.07 11.15 16.00
CA SER A 138 -5.55 11.55 14.68
C SER A 138 -6.94 12.18 14.81
N THR A 139 -7.14 13.33 14.19
CA THR A 139 -8.46 13.98 14.30
C THR A 139 -9.55 13.15 13.66
N SER A 140 -9.22 12.39 12.63
CA SER A 140 -10.19 11.53 12.00
C SER A 140 -10.71 10.52 13.04
N ASN A 141 -9.81 9.99 13.88
CA ASN A 141 -10.26 9.11 14.96
C ASN A 141 -11.07 9.85 16.01
N ILE A 142 -10.53 10.98 16.46
CA ILE A 142 -11.11 11.73 17.56
C ILE A 142 -12.57 12.07 17.26
N GLU A 143 -12.79 12.67 16.09
CA GLU A 143 -14.14 13.11 15.70
C GLU A 143 -15.08 11.98 15.40
N ARG A 144 -14.60 10.97 14.68
CA ARG A 144 -15.45 9.86 14.28
C ARG A 144 -15.90 9.07 15.52
N THR A 145 -14.97 8.78 16.40
CA THR A 145 -15.33 8.03 17.61
C THR A 145 -16.20 8.84 18.58
N LYS A 146 -16.00 10.17 18.63
CA LYS A 146 -16.87 11.02 19.41
C LYS A 146 -18.32 10.95 18.88
N GLY A 147 -18.48 11.01 17.55
CA GLY A 147 -19.80 10.81 16.94
C GLY A 147 -20.43 9.46 17.32
N ILE A 148 -19.64 8.39 17.23
CA ILE A 148 -20.14 7.06 17.58
C ILE A 148 -20.58 7.02 19.05
N ARG A 149 -19.70 7.45 19.93
CA ARG A 149 -20.01 7.43 21.38
C ARG A 149 -21.20 8.29 21.76
N ASP A 150 -21.24 9.51 21.22
CA ASP A 150 -22.33 10.44 21.54
C ASP A 150 -23.69 9.88 21.10
N GLU A 151 -23.73 9.33 19.90
CA GLU A 151 -24.96 8.80 19.34
C GLU A 151 -25.40 7.52 20.04
N LEU A 152 -24.46 6.66 20.42
CA LEU A 152 -24.81 5.50 21.26
C LEU A 152 -25.35 5.94 22.61
N ALA A 153 -24.68 6.91 23.22
CA ALA A 153 -25.13 7.46 24.49
C ALA A 153 -26.55 8.01 24.39
N ALA A 154 -26.88 8.69 23.29
CA ALA A 154 -28.23 9.25 23.07
C ALA A 154 -29.28 8.16 22.97
N GLY A 155 -28.88 6.98 22.51
CA GLY A 155 -29.75 5.80 22.51
C GLY A 155 -30.07 5.24 23.88
N GLY A 156 -29.25 5.60 24.88
CA GLY A 156 -29.44 5.15 26.26
C GLY A 156 -28.53 4.00 26.65
N ASP A 157 -28.62 3.64 27.92
CA ASP A 157 -27.81 2.58 28.53
C ASP A 157 -28.00 1.21 27.90
N LYS A 158 -29.09 1.00 27.16
CA LYS A 158 -29.27 -0.27 26.46
C LYS A 158 -28.18 -0.56 25.44
N TYR A 159 -27.47 0.47 24.97
CA TYR A 159 -26.24 0.28 24.20
C TYR A 159 -25.05 0.31 25.17
N LYS A 160 -24.40 -0.84 25.35
CA LYS A 160 -23.26 -0.97 26.27
C LYS A 160 -21.97 -1.33 25.53
N ILE A 161 -20.98 -0.45 25.61
CA ILE A 161 -19.65 -0.72 25.04
C ILE A 161 -18.89 -1.54 26.07
N VAL A 162 -18.70 -2.83 25.78
CA VAL A 162 -18.09 -3.76 26.73
C VAL A 162 -16.58 -3.90 26.51
N VAL A 163 -16.14 -3.56 25.30
CA VAL A 163 -14.69 -3.44 24.99
C VAL A 163 -14.45 -2.16 24.22
N ASP A 164 -13.41 -1.45 24.60
CA ASP A 164 -13.16 -0.15 23.98
C ASP A 164 -11.64 0.00 23.89
N GLN A 165 -11.09 -0.34 22.73
CA GLN A 165 -9.63 -0.46 22.61
C GLN A 165 -9.17 0.18 21.32
N THR A 166 -7.99 0.80 21.35
CA THR A 166 -7.43 1.26 20.06
C THR A 166 -6.67 0.17 19.33
N GLY A 167 -6.86 0.16 18.00
CA GLY A 167 -6.08 -0.68 17.11
C GLY A 167 -5.20 0.13 16.18
N ASN A 168 -5.12 1.45 16.41
CA ASN A 168 -4.26 2.33 15.63
C ASN A 168 -4.47 2.29 14.13
N TRP A 169 -5.72 1.98 13.75
CA TRP A 169 -6.18 1.82 12.37
C TRP A 169 -5.73 0.55 11.67
N LEU A 170 -5.00 -0.32 12.37
CA LEU A 170 -4.27 -1.42 11.75
C LEU A 170 -5.09 -2.72 11.73
N ARG A 171 -5.16 -3.31 10.54
CA ARG A 171 -5.75 -4.62 10.38
C ARG A 171 -5.21 -5.64 11.36
N SER A 172 -3.88 -5.70 11.50
CA SER A 172 -3.27 -6.66 12.42
C SER A 172 -3.77 -6.53 13.87
N GLU A 173 -4.11 -5.29 14.27
CA GLU A 173 -4.58 -5.02 15.62
C GLU A 173 -6.07 -5.40 15.77
N GLY A 174 -6.86 -5.22 14.73
CA GLY A 174 -8.25 -5.67 14.78
C GLY A 174 -8.30 -7.16 14.98
N LEU A 175 -7.42 -7.87 14.27
CA LEU A 175 -7.33 -9.31 14.40
C LEU A 175 -6.90 -9.72 15.80
N ARG A 176 -5.83 -9.12 16.30
CA ARG A 176 -5.28 -9.48 17.59
C ARG A 176 -6.27 -9.20 18.72
N ILE A 177 -6.86 -8.01 18.70
CA ILE A 177 -7.78 -7.64 19.76
C ILE A 177 -8.98 -8.56 19.79
N ILE A 178 -9.60 -8.79 18.64
CA ILE A 178 -10.79 -9.62 18.64
C ILE A 178 -10.44 -11.06 19.04
N GLU A 179 -9.33 -11.61 18.55
CA GLU A 179 -8.95 -13.01 18.91
C GLU A 179 -8.66 -13.15 20.40
N SER A 180 -8.18 -12.06 20.99
CA SER A 180 -7.82 -12.02 22.39
C SER A 180 -9.02 -11.84 23.33
N VAL A 181 -9.96 -10.96 22.98
CA VAL A 181 -11.02 -10.58 23.91
CA VAL A 181 -11.01 -10.58 23.92
C VAL A 181 -12.28 -11.44 23.81
N LEU A 182 -12.59 -11.95 22.62
CA LEU A 182 -13.81 -12.77 22.46
C LEU A 182 -13.92 -13.96 23.42
N PRO A 183 -12.83 -14.72 23.58
CA PRO A 183 -12.89 -15.82 24.56
C PRO A 183 -13.11 -15.36 26.01
N THR A 184 -12.73 -14.12 26.35
CA THR A 184 -12.82 -13.65 27.73
C THR A 184 -14.20 -13.10 28.12
N LEU A 185 -15.07 -12.84 27.14
CA LEU A 185 -16.41 -12.32 27.43
C LEU A 185 -17.36 -13.46 27.78
N LYS A 186 -18.08 -13.32 28.88
CA LYS A 186 -19.01 -14.39 29.27
C LYS A 186 -20.18 -14.49 28.30
N GLU A 187 -20.53 -13.37 27.65
CA GLU A 187 -21.52 -13.44 26.57
C GLU A 187 -20.99 -12.80 25.29
N LYS A 188 -21.27 -13.48 24.19
CA LYS A 188 -20.99 -13.03 22.84
C LYS A 188 -21.57 -11.62 22.65
N PRO A 189 -20.75 -10.67 22.21
CA PRO A 189 -21.24 -9.33 21.90
C PRO A 189 -22.10 -9.41 20.66
N GLU A 190 -22.96 -8.43 20.49
CA GLU A 190 -23.80 -8.38 19.30
C GLU A 190 -23.06 -7.78 18.13
N VAL A 191 -22.23 -6.79 18.43
CA VAL A 191 -21.68 -5.90 17.41
C VAL A 191 -20.23 -5.56 17.69
N ILE A 192 -19.45 -5.48 16.62
CA ILE A 192 -18.10 -4.89 16.64
C ILE A 192 -18.17 -3.68 15.72
N ILE A 193 -18.07 -2.50 16.32
CA ILE A 193 -18.01 -1.27 15.58
C ILE A 193 -16.53 -0.94 15.42
N SER A 194 -16.04 -0.97 14.20
CA SER A 194 -14.65 -0.58 13.93
C SER A 194 -14.62 0.81 13.34
N ALA A 195 -13.71 1.64 13.83
CA ALA A 195 -13.58 3.00 13.29
C ALA A 195 -13.09 3.02 11.83
N ASN A 196 -12.57 1.92 11.30
CA ASN A 196 -12.31 1.83 9.88
C ASN A 196 -12.44 0.43 9.31
N ASP A 197 -12.36 0.34 7.99
CA ASP A 197 -12.38 -0.95 7.28
C ASP A 197 -11.24 -1.86 7.68
N ASP A 198 -10.02 -1.33 7.78
CA ASP A 198 -8.86 -2.19 8.00
C ASP A 198 -9.00 -3.03 9.27
N MET A 199 -9.36 -2.37 10.37
CA MET A 199 -9.56 -3.08 11.63
C MET A 199 -10.77 -4.01 11.56
N ALA A 200 -11.80 -3.62 10.79
CA ALA A 200 -12.99 -4.47 10.66
C ALA A 200 -12.62 -5.75 9.86
N LEU A 201 -11.71 -5.63 8.89
CA LEU A 201 -11.34 -6.79 8.08
C LEU A 201 -10.48 -7.76 8.89
N GLY A 202 -9.67 -7.22 9.78
CA GLY A 202 -8.93 -8.02 10.72
C GLY A 202 -9.88 -8.66 11.70
N ALA A 203 -10.90 -7.93 12.14
CA ALA A 203 -11.91 -8.53 13.05
C ALA A 203 -12.61 -9.72 12.36
N ILE A 204 -12.91 -9.55 11.09
CA ILE A 204 -13.60 -10.61 10.33
C ILE A 204 -12.76 -11.87 10.23
N GLU A 205 -11.46 -11.70 10.00
CA GLU A 205 -10.52 -12.84 9.98
C GLU A 205 -10.51 -13.54 11.34
N ALA A 206 -10.53 -12.75 12.42
CA ALA A 206 -10.59 -13.30 13.76
C ALA A 206 -11.87 -14.14 13.97
N LEU A 207 -12.99 -13.60 13.54
CA LEU A 207 -14.28 -14.30 13.71
C LEU A 207 -14.27 -15.61 12.92
N ARG A 208 -13.77 -15.54 11.69
CA ARG A 208 -13.65 -16.71 10.82
C ARG A 208 -12.78 -17.80 11.48
N SER A 209 -11.68 -17.40 12.10
CA SER A 209 -10.80 -18.35 12.79
C SER A 209 -11.42 -18.91 14.08
N GLN A 210 -12.34 -18.17 14.70
CA GLN A 210 -13.03 -18.66 15.90
C GLN A 210 -14.17 -19.59 15.53
N GLY A 211 -14.38 -19.86 14.24
CA GLY A 211 -15.41 -20.80 13.79
C GLY A 211 -16.78 -20.20 13.52
N LEU A 212 -16.87 -18.88 13.48
CA LEU A 212 -18.14 -18.20 13.29
C LEU A 212 -18.47 -18.04 11.80
N LYS A 213 -19.76 -17.82 11.53
CA LYS A 213 -20.29 -17.60 10.19
C LYS A 213 -20.63 -16.12 10.03
N ALA A 214 -20.70 -15.67 8.78
CA ALA A 214 -21.12 -14.30 8.49
C ALA A 214 -22.40 -13.91 9.22
N GLY A 215 -22.42 -12.75 9.86
CA GLY A 215 -23.63 -12.30 10.58
C GLY A 215 -23.83 -12.80 12.02
N ASP A 216 -23.02 -13.75 12.50
CA ASP A 216 -23.12 -14.20 13.90
C ASP A 216 -22.82 -13.06 14.87
N ILE A 217 -21.80 -12.25 14.55
CA ILE A 217 -21.53 -10.99 15.22
C ILE A 217 -21.51 -9.95 14.12
N LEU A 218 -22.31 -8.89 14.29
CA LEU A 218 -22.35 -7.81 13.29
C LEU A 218 -21.03 -7.04 13.35
N VAL A 219 -20.55 -6.60 12.19
CA VAL A 219 -19.29 -5.81 12.11
C VAL A 219 -19.56 -4.58 11.24
N THR A 220 -19.12 -3.41 11.68
CA THR A 220 -19.23 -2.17 10.89
C THR A 220 -17.83 -1.64 10.61
N GLY A 221 -17.69 -1.00 9.46
CA GLY A 221 -16.41 -0.36 9.10
C GLY A 221 -16.58 1.07 8.61
N PHE A 222 -15.56 1.57 7.89
CA PHE A 222 -15.54 2.94 7.40
C PHE A 222 -14.34 3.06 6.42
N ASP A 223 -14.63 3.59 5.22
CA ASP A 223 -13.65 3.87 4.13
C ASP A 223 -14.10 3.36 2.75
N SER A 224 -15.01 2.39 2.72
CA SER A 224 -15.54 1.90 1.44
C SER A 224 -14.46 1.37 0.48
N THR A 225 -13.48 0.64 1.04
CA THR A 225 -12.46 0.00 0.23
C THR A 225 -13.09 -1.18 -0.47
N PRO A 226 -12.53 -1.61 -1.62
CA PRO A 226 -13.06 -2.72 -2.39
C PRO A 226 -13.19 -4.02 -1.59
N GLU A 227 -12.16 -4.35 -0.79
CA GLU A 227 -12.25 -5.55 0.04
C GLU A 227 -13.40 -5.46 1.03
N ALA A 228 -13.56 -4.29 1.65
CA ALA A 228 -14.70 -4.10 2.55
C ALA A 228 -16.05 -4.23 1.85
N LEU A 229 -16.15 -3.66 0.65
CA LEU A 229 -17.38 -3.74 -0.12
C LEU A 229 -17.67 -5.22 -0.47
N ALA A 230 -16.63 -5.98 -0.76
CA ALA A 230 -16.82 -7.40 -1.03
C ALA A 230 -17.38 -8.12 0.21
N ARG A 231 -16.95 -7.69 1.40
CA ARG A 231 -17.45 -8.30 2.64
C ARG A 231 -18.84 -7.81 3.00
N VAL A 232 -19.21 -6.59 2.57
CA VAL A 232 -20.62 -6.18 2.69
C VAL A 232 -21.47 -7.03 1.77
N LYS A 233 -21.02 -7.26 0.54
CA LYS A 233 -21.77 -8.04 -0.41
C LYS A 233 -21.99 -9.47 0.05
N ASP A 234 -20.98 -10.10 0.65
CA ASP A 234 -21.16 -11.49 1.11
C ASP A 234 -21.66 -11.62 2.55
N GLY A 235 -21.93 -10.49 3.20
CA GLY A 235 -22.61 -10.50 4.50
C GLY A 235 -21.71 -10.53 5.73
N TRP A 236 -20.40 -10.62 5.56
CA TRP A 236 -19.51 -10.61 6.71
C TRP A 236 -19.49 -9.24 7.40
N LEU A 237 -19.63 -8.17 6.62
CA LEU A 237 -19.58 -6.78 7.08
C LEU A 237 -20.93 -6.16 6.83
N TYR A 238 -21.49 -5.51 7.85
CA TYR A 238 -22.86 -5.00 7.77
C TYR A 238 -22.93 -3.66 7.01
N LEU A 239 -21.94 -2.82 7.27
CA LEU A 239 -21.83 -1.55 6.59
C LEU A 239 -20.39 -1.09 6.53
N THR A 240 -20.15 -0.24 5.55
CA THR A 240 -18.98 0.63 5.56
C THR A 240 -19.50 2.04 5.26
N ALA A 241 -18.60 3.00 5.08
CA ALA A 241 -19.00 4.38 4.79
C ALA A 241 -18.05 4.96 3.80
N ASP A 242 -18.55 5.70 2.82
CA ASP A 242 -17.68 6.27 1.79
C ASP A 242 -17.44 7.74 2.14
N GLN A 243 -16.20 8.05 2.50
CA GLN A 243 -15.82 9.45 2.75
C GLN A 243 -15.24 10.12 1.49
N ARG A 244 -15.40 9.47 0.34
CA ARG A 244 -15.29 10.11 -0.99
C ARG A 244 -13.88 10.72 -1.19
N PRO A 245 -12.87 9.89 -1.05
CA PRO A 245 -11.49 10.41 -1.24
C PRO A 245 -11.22 10.94 -2.63
N SER A 246 -11.81 10.36 -3.69
CA SER A 246 -11.61 10.93 -5.01
C SER A 246 -12.14 12.37 -5.07
N PHE A 247 -13.34 12.58 -4.56
CA PHE A 247 -13.91 13.94 -4.47
C PHE A 247 -13.07 14.87 -3.61
N ALA A 248 -12.62 14.40 -2.45
CA ALA A 248 -11.88 15.25 -1.51
C ALA A 248 -10.54 15.71 -2.13
N VAL A 249 -9.83 14.74 -2.65
CA VAL A 249 -8.51 15.02 -3.24
C VAL A 249 -8.63 15.88 -4.50
N SER A 250 -9.56 15.54 -5.39
CA SER A 250 -9.67 16.28 -6.64
C SER A 250 -10.09 17.70 -6.34
N THR A 251 -11.00 17.87 -5.39
CA THR A 251 -11.50 19.21 -5.04
C THR A 251 -10.42 20.05 -4.34
N ALA A 252 -9.65 19.42 -3.48
CA ALA A 252 -8.59 20.09 -2.74
C ALA A 252 -7.54 20.59 -3.74
N LEU A 253 -7.14 19.72 -4.65
CA LEU A 253 -6.15 20.13 -5.68
C LEU A 253 -6.69 21.17 -6.64
N GLU A 254 -7.94 21.01 -7.07
CA GLU A 254 -8.54 22.00 -7.96
C GLU A 254 -8.59 23.38 -7.32
N GLN A 255 -9.01 23.46 -6.06
CA GLN A 255 -9.10 24.74 -5.37
C GLN A 255 -7.71 25.35 -5.08
N VAL A 256 -6.77 24.53 -4.62
CA VAL A 256 -5.41 25.06 -4.34
C VAL A 256 -4.76 25.54 -5.63
N VAL A 257 -4.84 24.74 -6.68
CA VAL A 257 -4.31 25.15 -7.97
C VAL A 257 -5.03 26.37 -8.53
N GLY A 258 -6.34 26.46 -8.29
CA GLY A 258 -7.11 27.62 -8.69
C GLY A 258 -6.66 28.88 -7.97
N ASN A 259 -6.23 28.73 -6.70
CA ASN A 259 -5.70 29.89 -5.96
C ASN A 259 -4.34 30.30 -6.55
N ILE A 260 -3.49 29.30 -6.82
CA ILE A 260 -2.17 29.56 -7.45
C ILE A 260 -2.30 30.27 -8.80
N ARG A 261 -3.19 29.79 -9.64
CA ARG A 261 -3.28 30.26 -11.02
C ARG A 261 -4.13 31.51 -11.22
N GLU A 262 -5.20 31.65 -10.43
CA GLU A 262 -6.20 32.69 -10.64
C GLU A 262 -6.63 33.46 -9.39
N SER A 263 -5.97 33.21 -8.27
CA SER A 263 -6.30 33.82 -6.97
C SER A 263 -7.72 33.52 -6.48
N LYS A 264 -8.27 32.39 -6.90
CA LYS A 264 -9.61 31.97 -6.46
C LYS A 264 -9.54 31.52 -5.01
N GLU A 265 -10.63 31.65 -4.29
CA GLU A 265 -10.65 31.30 -2.88
C GLU A 265 -10.50 29.80 -2.69
N VAL A 266 -9.75 29.42 -1.67
CA VAL A 266 -9.74 28.05 -1.19
C VAL A 266 -10.84 27.96 -0.12
N SER A 267 -11.93 27.30 -0.48
CA SER A 267 -13.15 27.24 0.32
C SER A 267 -13.23 26.01 1.21
N GLY A 268 -12.51 24.96 0.85
CA GLY A 268 -12.64 23.69 1.55
C GLY A 268 -13.84 22.93 1.03
N ALA A 269 -14.07 21.76 1.60
CA ALA A 269 -15.24 20.94 1.27
C ALA A 269 -15.61 20.10 2.48
N ASP A 270 -16.88 20.21 2.87
CA ASP A 270 -17.43 19.48 4.02
C ASP A 270 -18.70 18.79 3.54
N TYR A 271 -18.86 17.51 3.87
CA TYR A 271 -20.02 16.76 3.40
C TYR A 271 -20.16 15.53 4.27
N PRO A 272 -21.36 14.96 4.31
CA PRO A 272 -21.49 13.75 5.09
C PRO A 272 -20.96 12.53 4.34
N PRO A 273 -20.33 11.58 5.05
CA PRO A 273 -20.01 10.35 4.36
C PRO A 273 -21.26 9.54 4.06
N LYS A 274 -21.22 8.69 3.04
CA LYS A 274 -22.36 7.93 2.61
C LYS A 274 -22.26 6.54 3.21
N ILE A 275 -23.26 6.14 3.96
CA ILE A 275 -23.28 4.81 4.54
C ILE A 275 -23.60 3.83 3.42
N ILE A 276 -22.83 2.76 3.36
CA ILE A 276 -22.96 1.75 2.29
C ILE A 276 -23.30 0.42 2.92
N LEU A 277 -24.51 -0.08 2.62
CA LEU A 277 -24.96 -1.40 3.00
C LEU A 277 -25.10 -2.27 1.76
N LYS A 278 -25.48 -3.52 1.96
CA LYS A 278 -25.62 -4.48 0.87
C LYS A 278 -26.51 -3.97 -0.26
N ASP A 279 -27.61 -3.29 0.07
CA ASP A 279 -28.57 -2.81 -0.92
C ASP A 279 -28.15 -1.59 -1.73
N ASN A 280 -27.06 -0.90 -1.34
CA ASN A 280 -26.59 0.28 -2.10
C ASN A 280 -25.10 0.32 -2.40
N LEU A 281 -24.50 -0.83 -2.66
CA LEU A 281 -23.07 -0.91 -2.98
C LEU A 281 -22.71 -0.06 -4.18
N GLN A 282 -23.63 0.02 -5.13
CA GLN A 282 -23.36 0.77 -6.36
C GLN A 282 -23.25 2.27 -6.16
N GLU A 283 -23.57 2.76 -4.97
CA GLU A 283 -23.33 4.18 -4.63
C GLU A 283 -21.91 4.48 -4.16
N ALA A 284 -21.09 3.46 -3.90
CA ALA A 284 -19.72 3.68 -3.48
C ALA A 284 -18.87 4.21 -4.66
N GLU A 285 -17.98 5.17 -4.38
CA GLU A 285 -17.04 5.68 -5.40
C GLU A 285 -16.32 4.59 -6.15
N ARG A 286 -15.95 3.55 -5.43
CA ARG A 286 -15.10 2.50 -5.99
C ARG A 286 -15.83 1.22 -6.31
N PHE A 287 -17.14 1.30 -6.56
CA PHE A 287 -17.93 0.12 -6.87
C PHE A 287 -17.41 -0.66 -8.08
N ALA A 288 -16.90 0.06 -9.08
CA ALA A 288 -16.35 -0.55 -10.28
C ALA A 288 -15.13 -1.43 -10.00
N GLU A 289 -14.48 -1.24 -8.86
CA GLU A 289 -13.33 -2.07 -8.47
C GLU A 289 -13.71 -3.43 -7.86
N ILE A 290 -14.97 -3.62 -7.50
CA ILE A 290 -15.38 -4.90 -6.94
C ILE A 290 -15.51 -5.89 -8.08
N SER A 291 -14.56 -6.81 -8.15
CA SER A 291 -14.64 -7.90 -9.12
C SER A 291 -15.98 -8.66 -8.98
N LYS B 3 0.56 -35.91 -17.10
CA LYS B 3 -0.82 -36.27 -16.64
C LYS B 3 -1.84 -35.11 -16.69
N ASP B 4 -1.43 -33.93 -17.18
CA ASP B 4 -2.36 -32.80 -17.51
C ASP B 4 -3.13 -32.24 -16.32
N GLU B 5 -2.51 -32.24 -15.14
CA GLU B 5 -3.16 -31.75 -13.95
C GLU B 5 -3.28 -30.23 -14.06
N LEU B 6 -4.42 -29.70 -13.64
CA LEU B 6 -4.61 -28.24 -13.63
C LEU B 6 -3.78 -27.60 -12.53
N VAL B 7 -2.85 -26.74 -12.91
CA VAL B 7 -2.04 -26.01 -11.95
C VAL B 7 -2.20 -24.53 -12.26
N VAL B 8 -2.53 -23.76 -11.23
CA VAL B 8 -2.85 -22.35 -11.38
C VAL B 8 -1.72 -21.50 -10.80
N PHE B 9 -1.30 -20.50 -11.56
CA PHE B 9 -0.28 -19.55 -11.19
C PHE B 9 -0.95 -18.19 -11.24
N SER B 10 -1.22 -17.65 -10.07
CA SER B 10 -1.89 -16.35 -9.96
C SER B 10 -0.91 -15.22 -9.75
N LEU B 11 -0.82 -14.36 -10.76
CA LEU B 11 0.03 -13.17 -10.73
C LEU B 11 -0.78 -11.94 -10.46
N PRO B 12 -0.17 -10.93 -9.82
CA PRO B 12 -0.97 -9.79 -9.40
C PRO B 12 -1.31 -8.89 -10.59
N ASN B 13 -0.52 -8.99 -11.66
CA ASN B 13 -0.75 -8.29 -12.91
C ASN B 13 0.11 -8.93 -14.00
N LEU B 14 -0.15 -8.54 -15.25
CA LEU B 14 0.76 -8.87 -16.36
C LEU B 14 1.16 -7.60 -17.08
N SER B 15 1.28 -6.52 -16.31
CA SER B 15 1.64 -5.22 -16.86
C SER B 15 3.08 -4.87 -16.59
N SER B 16 3.61 -5.24 -15.44
CA SER B 16 5.03 -4.99 -15.12
C SER B 16 5.91 -6.04 -15.79
N PRO B 17 7.12 -5.64 -16.20
CA PRO B 17 7.99 -6.59 -16.90
C PRO B 17 8.37 -7.84 -16.13
N PHE B 18 8.60 -7.73 -14.82
CA PHE B 18 9.01 -8.89 -14.06
C PHE B 18 7.89 -9.93 -14.06
N GLU B 19 6.66 -9.47 -13.84
CA GLU B 19 5.49 -10.36 -13.91
C GLU B 19 5.36 -11.04 -15.27
N VAL B 20 5.56 -10.26 -16.34
CA VAL B 20 5.50 -10.81 -17.67
C VAL B 20 6.54 -11.92 -17.83
N GLN B 21 7.76 -11.69 -17.32
CA GLN B 21 8.80 -12.72 -17.33
C GLN B 21 8.43 -13.97 -16.51
N LEU B 22 7.83 -13.76 -15.34
CA LEU B 22 7.35 -14.88 -14.52
C LEU B 22 6.39 -15.77 -15.30
N GLN B 23 5.42 -15.15 -15.97
CA GLN B 23 4.52 -15.92 -16.81
C GLN B 23 5.24 -16.75 -17.88
N LYS B 24 6.17 -16.09 -18.58
CA LYS B 24 6.90 -16.72 -19.68
C LYS B 24 7.66 -17.94 -19.23
N VAL B 25 8.44 -17.79 -18.17
CA VAL B 25 9.23 -18.92 -17.67
C VAL B 25 8.34 -20.05 -17.12
N ALA B 26 7.22 -19.70 -16.49
CA ALA B 26 6.28 -20.71 -16.01
C ALA B 26 5.78 -21.56 -17.16
N VAL B 27 5.43 -20.91 -18.26
CA VAL B 27 4.95 -21.64 -19.43
C VAL B 27 6.02 -22.59 -19.99
N GLU B 28 7.24 -22.08 -20.11
CA GLU B 28 8.39 -22.91 -20.56
C GLU B 28 8.57 -24.16 -19.69
N THR B 29 8.52 -24.00 -18.37
CA THR B 29 8.66 -25.10 -17.41
C THR B 29 7.54 -26.12 -17.48
N SER B 30 6.30 -25.63 -17.62
CA SER B 30 5.12 -26.48 -17.60
CA SER B 30 5.16 -26.52 -17.56
C SER B 30 5.12 -27.51 -18.72
N LYS B 31 5.80 -27.18 -19.82
CA LYS B 31 5.90 -28.07 -20.97
C LYS B 31 6.59 -29.39 -20.60
N LYS B 32 7.72 -29.27 -19.93
CA LYS B 32 8.53 -30.42 -19.51
C LYS B 32 7.78 -31.28 -18.50
N LEU B 33 7.07 -30.61 -17.58
CA LEU B 33 6.33 -31.28 -16.50
C LEU B 33 5.01 -31.91 -16.95
N GLU B 34 4.54 -31.57 -18.15
CA GLU B 34 3.29 -32.10 -18.72
C GLU B 34 2.11 -31.84 -17.78
N ILE B 35 1.93 -30.56 -17.45
CA ILE B 35 0.79 -30.10 -16.66
C ILE B 35 -0.03 -29.10 -17.45
N LYS B 36 -1.28 -28.92 -17.04
CA LYS B 36 -2.15 -27.90 -17.62
C LYS B 36 -2.02 -26.62 -16.80
N LEU B 37 -1.07 -25.77 -17.19
CA LEU B 37 -0.80 -24.55 -16.48
C LEU B 37 -1.80 -23.47 -16.89
N GLN B 38 -2.43 -22.83 -15.90
CA GLN B 38 -3.29 -21.68 -16.15
C GLN B 38 -2.69 -20.50 -15.41
N VAL B 39 -2.31 -19.45 -16.14
CA VAL B 39 -1.81 -18.24 -15.52
C VAL B 39 -2.95 -17.24 -15.43
N LEU B 40 -3.18 -16.70 -14.24
CA LEU B 40 -4.27 -15.76 -14.01
C LEU B 40 -3.70 -14.37 -13.74
N ASP B 41 -4.26 -13.40 -14.43
CA ASP B 41 -3.84 -12.03 -14.37
C ASP B 41 -4.79 -11.30 -13.40
N GLY B 42 -4.27 -10.93 -12.24
CA GLY B 42 -5.03 -10.22 -11.22
C GLY B 42 -5.37 -8.79 -11.56
N GLN B 43 -4.84 -8.24 -12.66
CA GLN B 43 -5.17 -6.87 -13.10
C GLN B 43 -4.91 -5.79 -12.03
N SER B 44 -3.92 -6.01 -11.18
CA SER B 44 -3.61 -5.11 -10.06
C SER B 44 -4.80 -4.86 -9.15
N SER B 45 -5.70 -5.81 -9.08
CA SER B 45 -6.89 -5.72 -8.24
C SER B 45 -6.87 -6.84 -7.20
N SER B 46 -6.86 -6.47 -5.92
CA SER B 46 -6.89 -7.52 -4.86
C SER B 46 -8.21 -8.27 -4.82
N THR B 47 -9.32 -7.59 -5.06
CA THR B 47 -10.61 -8.30 -5.10
C THR B 47 -10.67 -9.25 -6.30
N LYS B 48 -10.06 -8.88 -7.44
CA LYS B 48 -10.02 -9.81 -8.58
C LYS B 48 -9.15 -11.03 -8.26
N GLN B 49 -7.94 -10.81 -7.77
CA GLN B 49 -7.08 -11.94 -7.48
C GLN B 49 -7.73 -12.88 -6.47
N ALA B 50 -8.38 -12.31 -5.45
CA ALA B 50 -9.10 -13.14 -4.46
C ALA B 50 -10.15 -13.99 -5.16
N SER B 51 -10.90 -13.38 -6.07
CA SER B 51 -11.94 -14.12 -6.79
C SER B 51 -11.35 -15.15 -7.75
N ASP B 52 -10.24 -14.80 -8.40
CA ASP B 52 -9.49 -15.72 -9.28
C ASP B 52 -9.14 -16.99 -8.47
N LEU B 53 -8.65 -16.80 -7.24
CA LEU B 53 -8.20 -17.91 -6.43
C LEU B 53 -9.36 -18.74 -5.95
N GLU B 54 -10.42 -18.06 -5.53
CA GLU B 54 -11.61 -18.76 -5.01
C GLU B 54 -12.26 -19.64 -6.09
N ASN B 55 -12.23 -19.14 -7.33
CA ASN B 55 -12.76 -19.86 -8.48
C ASN B 55 -11.83 -20.99 -8.94
N ALA B 56 -10.52 -20.80 -8.78
CA ALA B 56 -9.57 -21.90 -9.02
C ALA B 56 -9.89 -23.10 -8.13
N ILE B 57 -10.31 -22.84 -6.90
CA ILE B 57 -10.72 -23.90 -5.99
C ILE B 57 -11.95 -24.58 -6.56
N THR B 58 -12.91 -23.78 -7.00
CA THR B 58 -14.18 -24.31 -7.55
C THR B 58 -13.93 -25.18 -8.78
N ARG B 59 -12.95 -24.79 -9.59
CA ARG B 59 -12.63 -25.50 -10.81
C ARG B 59 -11.73 -26.73 -10.61
N GLY B 60 -11.34 -27.02 -9.37
CA GLY B 60 -10.61 -28.23 -9.04
C GLY B 60 -9.11 -28.14 -9.28
N ALA B 61 -8.53 -26.97 -9.11
CA ALA B 61 -7.08 -26.82 -9.24
C ALA B 61 -6.37 -27.80 -8.33
N LYS B 62 -5.41 -28.53 -8.88
CA LYS B 62 -4.62 -29.52 -8.14
C LYS B 62 -3.43 -28.92 -7.43
N GLY B 63 -3.04 -27.72 -7.86
CA GLY B 63 -1.95 -26.98 -7.24
C GLY B 63 -2.13 -25.51 -7.56
N ILE B 64 -1.76 -24.64 -6.61
CA ILE B 64 -1.90 -23.19 -6.79
C ILE B 64 -0.68 -22.45 -6.26
N ILE B 65 -0.03 -21.68 -7.15
CA ILE B 65 1.09 -20.82 -6.78
C ILE B 65 0.57 -19.39 -6.89
N ILE B 66 0.81 -18.60 -5.85
CA ILE B 66 0.25 -17.25 -5.75
C ILE B 66 1.35 -16.22 -5.53
N SER B 67 1.29 -15.15 -6.30
CA SER B 67 2.06 -13.96 -6.06
C SER B 67 1.11 -12.82 -5.66
N PRO B 68 0.95 -12.58 -4.35
CA PRO B 68 -0.16 -11.76 -3.91
C PRO B 68 -0.03 -10.26 -4.19
N ASN B 69 -1.12 -9.68 -4.69
CA ASN B 69 -1.16 -8.26 -4.98
C ASN B 69 -0.95 -7.40 -3.75
N ASP B 70 -1.27 -7.97 -2.58
CA ASP B 70 -1.23 -7.24 -1.31
C ASP B 70 -0.91 -8.19 -0.17
N VAL B 71 -0.28 -7.66 0.85
CA VAL B 71 0.15 -8.46 2.03
C VAL B 71 -1.03 -9.01 2.85
N ASN B 72 -2.14 -8.30 2.83
CA ASN B 72 -3.34 -8.70 3.59
C ASN B 72 -4.60 -9.05 2.81
N ALA B 73 -4.82 -8.40 1.67
CA ALA B 73 -6.15 -8.46 1.01
C ALA B 73 -6.39 -9.83 0.35
N ILE B 74 -5.31 -10.58 0.15
CA ILE B 74 -5.35 -11.91 -0.50
C ILE B 74 -5.37 -13.03 0.56
N SER B 75 -5.11 -12.68 1.82
CA SER B 75 -4.97 -13.68 2.90
C SER B 75 -6.17 -14.59 3.12
N GLY B 76 -7.38 -14.06 2.92
CA GLY B 76 -8.59 -14.86 3.04
C GLY B 76 -8.66 -15.97 2.01
N ALA B 77 -8.33 -15.63 0.76
CA ALA B 77 -8.36 -16.62 -0.32
C ALA B 77 -7.30 -17.68 -0.10
N VAL B 78 -6.10 -17.24 0.30
CA VAL B 78 -5.03 -18.20 0.59
C VAL B 78 -5.43 -19.14 1.70
N GLU B 79 -6.08 -18.60 2.73
CA GLU B 79 -6.58 -19.40 3.86
C GLU B 79 -7.56 -20.45 3.38
N GLU B 80 -8.39 -20.09 2.40
CA GLU B 80 -9.39 -21.04 1.88
C GLU B 80 -8.71 -22.17 1.11
N ILE B 81 -7.62 -21.86 0.41
CA ILE B 81 -6.89 -22.88 -0.35
C ILE B 81 -6.28 -23.88 0.62
N ILE B 82 -5.68 -23.35 1.68
CA ILE B 82 -5.07 -24.19 2.71
C ILE B 82 -6.10 -25.15 3.31
N LYS B 83 -7.27 -24.62 3.63
CA LYS B 83 -8.34 -25.44 4.19
C LYS B 83 -8.77 -26.58 3.27
N GLU B 84 -8.80 -26.31 1.95
CA GLU B 84 -9.15 -27.34 0.96
C GLU B 84 -8.05 -28.38 0.70
N LYS B 85 -6.91 -28.24 1.39
CA LYS B 85 -5.80 -29.18 1.30
C LYS B 85 -5.13 -29.15 -0.08
N ILE B 86 -5.27 -28.04 -0.79
CA ILE B 86 -4.68 -27.90 -2.11
C ILE B 86 -3.21 -27.50 -1.97
N PRO B 87 -2.30 -28.29 -2.56
CA PRO B 87 -0.89 -27.90 -2.54
C PRO B 87 -0.75 -26.45 -3.00
N ALA B 88 -0.08 -25.63 -2.19
CA ALA B 88 0.01 -24.21 -2.46
C ALA B 88 1.34 -23.61 -2.01
N ALA B 89 1.74 -22.54 -2.69
CA ALA B 89 2.96 -21.79 -2.38
C ALA B 89 2.82 -20.39 -2.86
N THR B 90 3.63 -19.50 -2.27
CA THR B 90 3.75 -18.14 -2.76
C THR B 90 5.03 -18.02 -3.53
N LEU B 91 5.06 -17.01 -4.40
CA LEU B 91 6.23 -16.75 -5.26
C LEU B 91 6.38 -15.26 -5.44
N ASP B 92 7.62 -14.77 -5.29
CA ASP B 92 7.94 -13.34 -5.36
C ASP B 92 7.36 -12.61 -4.15
N ARG B 93 6.06 -12.32 -4.21
CA ARG B 93 5.33 -11.70 -3.11
C ARG B 93 4.84 -12.78 -2.13
N LYS B 94 4.42 -12.34 -0.94
CA LYS B 94 3.86 -13.21 0.11
C LYS B 94 2.57 -12.64 0.68
N VAL B 95 1.90 -13.42 1.53
CA VAL B 95 0.83 -12.90 2.39
C VAL B 95 1.32 -12.95 3.83
N GLU B 96 0.78 -12.07 4.66
CA GLU B 96 0.99 -12.16 6.10
C GLU B 96 -0.02 -13.16 6.65
N SER B 97 0.49 -14.22 7.29
CA SER B 97 -0.35 -15.22 7.97
C SER B 97 0.47 -15.96 9.03
N SER B 98 -0.20 -16.72 9.89
CA SER B 98 0.45 -17.38 11.02
C SER B 98 1.13 -18.71 10.65
N LYS B 99 0.37 -19.60 10.03
CA LYS B 99 0.95 -20.83 9.46
C LYS B 99 1.36 -20.51 8.03
N PRO B 100 2.62 -20.11 7.83
CA PRO B 100 2.91 -19.63 6.48
C PRO B 100 2.98 -20.79 5.48
N VAL B 101 2.56 -20.51 4.25
CA VAL B 101 2.66 -21.44 3.14
C VAL B 101 4.12 -21.34 2.62
N PRO B 102 4.65 -22.39 1.97
CA PRO B 102 6.01 -22.30 1.44
C PRO B 102 6.18 -21.16 0.44
N HIS B 103 7.38 -20.59 0.41
CA HIS B 103 7.67 -19.49 -0.46
C HIS B 103 8.86 -19.78 -1.37
N PHE B 104 8.74 -19.37 -2.63
CA PHE B 104 9.81 -19.43 -3.63
C PHE B 104 10.20 -18.03 -4.09
N GLY B 105 11.48 -17.72 -3.96
CA GLY B 105 11.95 -16.42 -4.44
C GLY B 105 13.16 -15.91 -3.71
N ALA B 106 13.76 -14.88 -4.28
CA ALA B 106 14.92 -14.26 -3.68
C ALA B 106 14.52 -13.59 -2.38
N ASN B 107 15.46 -13.52 -1.45
CA ASN B 107 15.25 -12.85 -0.19
C ASN B 107 15.35 -11.36 -0.42
N ASN B 108 14.23 -10.66 -0.32
CA ASN B 108 14.19 -9.25 -0.63
C ASN B 108 14.87 -8.39 0.41
N TYR B 109 14.73 -8.76 1.68
CA TYR B 109 15.41 -8.02 2.71
C TYR B 109 16.93 -8.10 2.48
N THR B 110 17.44 -9.31 2.27
CA THR B 110 18.86 -9.51 1.93
C THR B 110 19.25 -8.72 0.67
N GLY B 111 18.42 -8.78 -0.36
CA GLY B 111 18.65 -8.01 -1.59
C GLY B 111 18.81 -6.51 -1.31
N GLY B 112 17.89 -5.98 -0.52
CA GLY B 112 17.90 -4.54 -0.19
C GLY B 112 19.16 -4.20 0.58
N GLN B 113 19.56 -5.08 1.51
CA GLN B 113 20.83 -4.85 2.21
C GLN B 113 22.03 -4.91 1.26
N GLU B 114 22.02 -5.82 0.27
CA GLU B 114 23.16 -5.93 -0.68
C GLU B 114 23.27 -4.65 -1.53
N VAL B 115 22.13 -4.13 -1.97
CA VAL B 115 22.10 -2.87 -2.74
C VAL B 115 22.67 -1.72 -1.91
N ALA B 116 22.18 -1.57 -0.68
CA ALA B 116 22.70 -0.56 0.23
C ALA B 116 24.19 -0.72 0.55
N LYS B 117 24.67 -1.95 0.70
CA LYS B 117 26.10 -2.18 0.98
C LYS B 117 26.94 -1.69 -0.21
N ALA B 118 26.47 -1.97 -1.42
CA ALA B 118 27.14 -1.53 -2.66
C ALA B 118 27.23 -0.01 -2.76
N VAL B 119 26.16 0.66 -2.39
CA VAL B 119 26.14 2.12 -2.37
C VAL B 119 27.10 2.68 -1.31
N LYS B 120 27.07 2.13 -0.09
CA LYS B 120 27.95 2.63 0.98
C LYS B 120 29.43 2.50 0.61
N ALA B 121 29.78 1.39 -0.04
CA ALA B 121 31.14 1.16 -0.52
C ALA B 121 31.57 2.16 -1.57
N LYS B 122 30.65 2.61 -2.41
CA LYS B 122 30.93 3.62 -3.43
C LYS B 122 31.06 5.01 -2.83
N TYR B 123 30.41 5.21 -1.69
CA TYR B 123 30.43 6.50 -0.98
C TYR B 123 30.82 6.32 0.50
N PRO B 124 32.10 5.98 0.75
CA PRO B 124 32.55 5.69 2.13
C PRO B 124 32.44 6.91 3.07
N ASN B 125 32.32 8.11 2.53
CA ASN B 125 32.23 9.30 3.36
C ASN B 125 30.80 9.85 3.45
N GLY B 126 29.83 9.10 2.91
CA GLY B 126 28.43 9.49 3.00
C GLY B 126 27.85 9.94 1.67
N ALA B 127 26.52 10.08 1.66
CA ALA B 127 25.80 10.44 0.44
C ALA B 127 24.40 10.92 0.78
N LYS B 128 23.88 11.87 -0.01
CA LYS B 128 22.46 12.22 0.00
C LYS B 128 21.79 11.34 -1.05
N ILE B 129 20.67 10.72 -0.68
CA ILE B 129 20.09 9.62 -1.46
C ILE B 129 18.63 9.87 -1.69
N ILE B 130 18.20 9.67 -2.94
CA ILE B 130 16.77 9.55 -3.29
C ILE B 130 16.36 8.10 -3.35
N LEU B 131 15.30 7.73 -2.62
CA LEU B 131 14.80 6.37 -2.62
C LEU B 131 13.43 6.36 -3.27
N LEU B 132 13.29 5.59 -4.33
CA LEU B 132 12.03 5.41 -5.03
C LEU B 132 11.52 4.05 -4.66
N THR B 133 10.28 3.98 -4.14
CA THR B 133 9.78 2.72 -3.66
C THR B 133 8.58 2.19 -4.46
N GLY B 134 8.19 0.96 -4.18
CA GLY B 134 7.21 0.24 -5.00
C GLY B 134 5.78 0.36 -4.52
N GLN B 135 4.97 -0.61 -4.95
CA GLN B 135 3.53 -0.71 -4.55
C GLN B 135 3.51 -0.93 -3.05
N PRO B 136 2.87 0.00 -2.30
CA PRO B 136 3.07 0.00 -0.84
C PRO B 136 2.74 -1.33 -0.17
N GLY B 137 1.66 -1.96 -0.60
CA GLY B 137 1.21 -3.17 0.03
C GLY B 137 1.83 -4.47 -0.42
N SER B 138 2.78 -4.40 -1.34
CA SER B 138 3.44 -5.62 -1.82
C SER B 138 4.57 -5.97 -0.86
N THR B 139 4.71 -7.25 -0.53
CA THR B 139 5.73 -7.66 0.42
C THR B 139 7.10 -7.48 -0.21
N SER B 140 7.18 -7.62 -1.53
CA SER B 140 8.46 -7.42 -2.23
C SER B 140 8.96 -6.01 -1.97
N ASN B 141 8.07 -5.03 -2.08
CA ASN B 141 8.40 -3.64 -1.70
C ASN B 141 8.76 -3.52 -0.22
N ILE B 142 7.88 -4.03 0.66
CA ILE B 142 8.04 -3.79 2.07
C ILE B 142 9.38 -4.35 2.56
N GLU B 143 9.70 -5.59 2.20
CA GLU B 143 10.89 -6.24 2.71
C GLU B 143 12.15 -5.62 2.05
N ARG B 144 12.05 -5.34 0.76
CA ARG B 144 13.23 -4.87 -0.01
C ARG B 144 13.64 -3.48 0.49
N THR B 145 12.66 -2.61 0.68
CA THR B 145 12.93 -1.28 1.14
C THR B 145 13.32 -1.25 2.62
N LYS B 146 12.74 -2.12 3.46
CA LYS B 146 13.24 -2.24 4.83
C LYS B 146 14.75 -2.61 4.86
N GLY B 147 15.16 -3.54 3.99
CA GLY B 147 16.57 -3.91 3.90
C GLY B 147 17.44 -2.72 3.53
N ILE B 148 16.95 -1.93 2.58
CA ILE B 148 17.71 -0.76 2.11
C ILE B 148 17.83 0.25 3.26
N ARG B 149 16.71 0.57 3.90
CA ARG B 149 16.69 1.60 4.94
C ARG B 149 17.49 1.17 6.16
N ASP B 150 17.30 -0.07 6.61
CA ASP B 150 18.03 -0.58 7.78
C ASP B 150 19.52 -0.53 7.55
N GLU B 151 19.92 -0.96 6.36
CA GLU B 151 21.37 -1.03 6.05
C GLU B 151 22.03 0.34 5.92
N LEU B 152 21.35 1.29 5.28
CA LEU B 152 21.86 2.65 5.18
C LEU B 152 21.94 3.29 6.57
N ALA B 153 20.90 3.09 7.39
CA ALA B 153 20.90 3.65 8.75
C ALA B 153 22.11 3.17 9.59
N ALA B 154 22.58 1.95 9.34
CA ALA B 154 23.71 1.38 10.07
C ALA B 154 25.07 1.97 9.65
N GLY B 155 25.08 2.72 8.56
CA GLY B 155 26.25 3.50 8.16
C GLY B 155 26.35 4.84 8.87
N GLY B 156 25.32 5.22 9.62
CA GLY B 156 25.28 6.49 10.32
C GLY B 156 24.57 7.57 9.51
N ASP B 157 24.45 8.75 10.11
CA ASP B 157 23.74 9.86 9.47
C ASP B 157 24.45 10.37 8.21
N LYS B 158 25.68 9.89 7.97
CA LYS B 158 26.42 10.16 6.74
C LYS B 158 25.62 9.77 5.49
N TYR B 159 24.81 8.71 5.60
CA TYR B 159 23.89 8.29 4.56
C TYR B 159 22.50 8.84 4.88
N LYS B 160 22.11 9.86 4.14
CA LYS B 160 20.89 10.62 4.42
C LYS B 160 19.91 10.40 3.29
N ILE B 161 18.79 9.75 3.56
CA ILE B 161 17.77 9.61 2.54
C ILE B 161 16.99 10.93 2.55
N VAL B 162 17.20 11.77 1.55
CA VAL B 162 16.58 13.11 1.50
C VAL B 162 15.16 13.09 0.87
N VAL B 163 14.88 12.09 0.04
CA VAL B 163 13.60 11.89 -0.64
C VAL B 163 13.25 10.41 -0.52
N ASP B 164 12.01 10.08 -0.10
CA ASP B 164 11.57 8.70 0.04
C ASP B 164 10.12 8.69 -0.42
N GLN B 165 9.90 8.32 -1.68
CA GLN B 165 8.59 8.48 -2.35
C GLN B 165 8.20 7.25 -3.13
N THR B 166 6.89 6.99 -3.12
CA THR B 166 6.31 5.85 -3.78
C THR B 166 6.07 6.08 -5.28
N GLY B 167 6.55 5.14 -6.10
CA GLY B 167 6.32 5.14 -7.55
C GLY B 167 5.57 3.91 -8.05
N ASN B 168 5.09 3.06 -7.13
CA ASN B 168 4.23 1.93 -7.51
C ASN B 168 4.82 0.97 -8.55
N TRP B 169 6.16 0.93 -8.57
CA TRP B 169 6.94 0.10 -9.46
C TRP B 169 6.98 0.62 -10.91
N LEU B 170 6.37 1.76 -11.19
CA LEU B 170 6.10 2.21 -12.56
C LEU B 170 7.23 3.06 -13.14
N ARG B 171 7.62 2.74 -14.35
CA ARG B 171 8.61 3.54 -15.08
C ARG B 171 8.17 5.00 -15.12
N SER B 172 6.89 5.21 -15.42
CA SER B 172 6.38 6.58 -15.56
C SER B 172 6.51 7.40 -14.28
N GLU B 173 6.39 6.73 -13.14
CA GLU B 173 6.52 7.38 -11.83
C GLU B 173 7.98 7.68 -11.49
N GLY B 174 8.88 6.80 -11.88
CA GLY B 174 10.33 7.12 -11.74
C GLY B 174 10.68 8.40 -12.46
N LEU B 175 10.19 8.54 -13.70
CA LEU B 175 10.34 9.77 -14.48
C LEU B 175 9.68 10.96 -13.78
N ARG B 176 8.42 10.78 -13.36
CA ARG B 176 7.64 11.89 -12.82
C ARG B 176 8.26 12.40 -11.52
N ILE B 177 8.64 11.48 -10.65
CA ILE B 177 9.16 11.86 -9.33
C ILE B 177 10.49 12.60 -9.44
N ILE B 178 11.38 12.08 -10.26
CA ILE B 178 12.71 12.71 -10.40
C ILE B 178 12.52 14.10 -11.03
N GLU B 179 11.61 14.22 -11.99
CA GLU B 179 11.31 15.52 -12.55
C GLU B 179 10.66 16.48 -11.56
N SER B 180 9.86 15.98 -10.62
CA SER B 180 9.23 16.89 -9.67
C SER B 180 10.16 17.26 -8.53
N VAL B 181 11.06 16.34 -8.19
CA VAL B 181 11.96 16.51 -7.03
C VAL B 181 13.32 17.15 -7.28
N LEU B 182 14.03 16.65 -8.28
CA LEU B 182 15.43 17.05 -8.46
C LEU B 182 15.66 18.56 -8.56
N PRO B 183 14.86 19.27 -9.36
CA PRO B 183 15.10 20.71 -9.45
C PRO B 183 14.92 21.50 -8.14
N THR B 184 14.18 20.92 -7.20
CA THR B 184 13.74 21.57 -5.95
C THR B 184 14.72 21.37 -4.81
N LEU B 185 15.67 20.46 -4.97
CA LEU B 185 16.54 20.10 -3.86
C LEU B 185 17.66 21.09 -3.75
N LYS B 186 18.00 21.45 -2.52
CA LYS B 186 19.00 22.48 -2.24
C LYS B 186 20.35 21.98 -2.74
N GLU B 187 20.67 20.75 -2.34
CA GLU B 187 21.91 20.07 -2.74
C GLU B 187 21.56 18.91 -3.67
N LYS B 188 22.22 18.85 -4.81
CA LYS B 188 22.07 17.72 -5.73
C LYS B 188 22.46 16.42 -4.99
N PRO B 189 21.57 15.41 -4.98
CA PRO B 189 21.93 14.15 -4.37
C PRO B 189 22.95 13.36 -5.20
N GLU B 190 23.73 12.52 -4.52
CA GLU B 190 24.70 11.67 -5.13
C GLU B 190 24.11 10.42 -5.75
N VAL B 191 22.97 9.95 -5.20
CA VAL B 191 22.47 8.62 -5.50
C VAL B 191 20.96 8.60 -5.61
N ILE B 192 20.46 7.84 -6.57
CA ILE B 192 19.07 7.41 -6.62
C ILE B 192 19.06 5.89 -6.49
N ILE B 193 18.48 5.38 -5.39
CA ILE B 193 18.23 3.96 -5.24
C ILE B 193 16.80 3.70 -5.64
N SER B 194 16.59 2.89 -6.67
CA SER B 194 15.23 2.50 -7.06
C SER B 194 14.95 1.10 -6.59
N ALA B 195 13.75 0.90 -6.00
CA ALA B 195 13.38 -0.44 -5.63
C ALA B 195 13.26 -1.40 -6.81
N ASN B 196 13.11 -0.89 -8.04
CA ASN B 196 13.21 -1.76 -9.21
C ASN B 196 13.84 -1.14 -10.46
N ASP B 197 14.05 -1.97 -11.46
CA ASP B 197 14.55 -1.51 -12.75
C ASP B 197 13.62 -0.50 -13.41
N ASP B 198 12.30 -0.76 -13.43
CA ASP B 198 11.41 0.07 -14.22
C ASP B 198 11.45 1.52 -13.73
N MET B 199 11.41 1.73 -12.42
CA MET B 199 11.44 3.10 -11.86
C MET B 199 12.80 3.75 -12.14
N ALA B 200 13.85 2.93 -12.08
CA ALA B 200 15.21 3.43 -12.38
C ALA B 200 15.35 3.88 -13.83
N LEU B 201 14.73 3.15 -14.75
CA LEU B 201 14.80 3.50 -16.15
C LEU B 201 14.06 4.83 -16.40
N GLY B 202 12.95 5.04 -15.67
CA GLY B 202 12.27 6.33 -15.76
C GLY B 202 13.11 7.46 -15.17
N ALA B 203 13.74 7.19 -14.05
CA ALA B 203 14.62 8.16 -13.38
C ALA B 203 15.74 8.57 -14.34
N ILE B 204 16.30 7.62 -15.04
CA ILE B 204 17.41 7.90 -16.00
C ILE B 204 16.96 8.81 -17.11
N GLU B 205 15.73 8.64 -17.61
CA GLU B 205 15.22 9.54 -18.60
C GLU B 205 15.06 10.96 -18.04
N ALA B 206 14.57 11.07 -16.82
CA ALA B 206 14.49 12.39 -16.14
C ALA B 206 15.88 13.05 -16.05
N LEU B 207 16.89 12.29 -15.70
CA LEU B 207 18.25 12.82 -15.59
C LEU B 207 18.75 13.31 -16.94
N ARG B 208 18.55 12.50 -17.99
CA ARG B 208 18.92 12.90 -19.33
C ARG B 208 18.25 14.21 -19.72
N SER B 209 16.95 14.34 -19.43
CA SER B 209 16.20 15.52 -19.86
C SER B 209 16.56 16.76 -19.06
N GLN B 210 17.14 16.56 -17.89
CA GLN B 210 17.67 17.69 -17.10
C GLN B 210 19.12 18.03 -17.40
N GLY B 211 19.70 17.34 -18.37
CA GLY B 211 21.04 17.72 -18.84
C GLY B 211 22.22 16.98 -18.22
N LEU B 212 21.93 15.95 -17.44
CA LEU B 212 22.97 15.14 -16.80
C LEU B 212 23.46 14.03 -17.72
N LYS B 213 24.66 13.54 -17.44
CA LYS B 213 25.29 12.47 -18.20
C LYS B 213 25.33 11.22 -17.34
N ALA B 214 25.54 10.08 -18.00
CA ALA B 214 25.61 8.81 -17.31
C ALA B 214 26.55 8.87 -16.11
N GLY B 215 26.03 8.45 -14.96
CA GLY B 215 26.85 8.33 -13.76
C GLY B 215 26.95 9.60 -12.93
N ASP B 216 26.49 10.74 -13.45
CA ASP B 216 26.63 12.01 -12.70
C ASP B 216 25.89 11.88 -11.35
N ILE B 217 24.72 11.27 -11.41
CA ILE B 217 24.03 10.71 -10.24
C ILE B 217 24.03 9.20 -10.40
N LEU B 218 24.52 8.52 -9.36
CA LEU B 218 24.58 7.06 -9.37
C LEU B 218 23.20 6.49 -9.21
N VAL B 219 22.81 5.54 -10.07
CA VAL B 219 21.45 4.96 -10.03
C VAL B 219 21.52 3.47 -9.84
N THR B 220 20.66 2.92 -8.96
CA THR B 220 20.62 1.49 -8.78
C THR B 220 19.19 1.00 -9.08
N GLY B 221 19.08 -0.25 -9.52
CA GLY B 221 17.78 -0.90 -9.76
C GLY B 221 17.71 -2.31 -9.17
N PHE B 222 16.83 -3.12 -9.74
CA PHE B 222 16.55 -4.46 -9.24
C PHE B 222 15.60 -5.13 -10.24
N ASP B 223 15.94 -6.35 -10.66
CA ASP B 223 15.19 -7.28 -11.55
C ASP B 223 16.03 -7.85 -12.71
N SER B 224 17.17 -7.24 -13.04
CA SER B 224 18.02 -7.77 -14.09
C SER B 224 17.28 -7.94 -15.45
N THR B 225 16.43 -6.96 -15.77
CA THR B 225 15.76 -6.91 -17.07
C THR B 225 16.78 -6.52 -18.14
N PRO B 226 16.58 -7.00 -19.37
CA PRO B 226 17.52 -6.70 -20.45
C PRO B 226 17.78 -5.21 -20.66
N GLU B 227 16.75 -4.38 -20.58
CA GLU B 227 16.97 -2.94 -20.71
C GLU B 227 17.85 -2.37 -19.60
N ALA B 228 17.57 -2.80 -18.37
CA ALA B 228 18.42 -2.44 -17.24
C ALA B 228 19.85 -2.94 -17.43
N LEU B 229 20.03 -4.16 -17.95
CA LEU B 229 21.37 -4.67 -18.21
C LEU B 229 22.09 -3.79 -19.22
N ALA B 230 21.36 -3.28 -20.23
CA ALA B 230 21.98 -2.43 -21.22
C ALA B 230 22.43 -1.12 -20.58
N ARG B 231 21.65 -0.63 -19.63
CA ARG B 231 22.02 0.59 -18.90
C ARG B 231 23.14 0.36 -17.90
N VAL B 232 23.30 -0.87 -17.41
CA VAL B 232 24.50 -1.19 -16.61
C VAL B 232 25.72 -1.19 -17.54
N LYS B 233 25.57 -1.73 -18.76
CA LYS B 233 26.66 -1.76 -19.70
C LYS B 233 27.14 -0.35 -20.08
N ASP B 234 26.21 0.58 -20.32
CA ASP B 234 26.57 1.95 -20.69
C ASP B 234 26.77 2.93 -19.52
N GLY B 235 26.56 2.45 -18.30
CA GLY B 235 26.86 3.22 -17.10
C GLY B 235 25.76 4.12 -16.51
N TRP B 236 24.65 4.30 -17.23
CA TRP B 236 23.56 5.06 -16.64
C TRP B 236 23.07 4.41 -15.33
N LEU B 237 23.12 3.08 -15.27
CA LEU B 237 22.75 2.34 -14.10
C LEU B 237 24.03 1.70 -13.56
N TYR B 238 24.25 1.81 -12.25
CA TYR B 238 25.42 1.25 -11.63
C TYR B 238 25.26 -0.24 -11.34
N LEU B 239 24.06 -0.64 -10.88
CA LEU B 239 23.81 -2.04 -10.63
C LEU B 239 22.34 -2.35 -10.79
N THR B 240 22.06 -3.62 -11.04
CA THR B 240 20.72 -4.19 -10.86
C THR B 240 20.90 -5.49 -10.07
N ALA B 241 19.84 -6.25 -9.90
CA ALA B 241 19.97 -7.49 -9.13
C ALA B 241 19.09 -8.54 -9.76
N ASP B 242 19.63 -9.74 -9.87
CA ASP B 242 18.89 -10.83 -10.46
C ASP B 242 18.21 -11.63 -9.34
N GLN B 243 16.88 -11.60 -9.31
CA GLN B 243 16.19 -12.45 -8.34
C GLN B 243 15.82 -13.84 -8.91
N ARG B 244 16.36 -14.14 -10.09
CA ARG B 244 16.41 -15.51 -10.63
C ARG B 244 14.99 -16.06 -10.80
N PRO B 245 14.14 -15.34 -11.54
CA PRO B 245 12.76 -15.80 -11.75
C PRO B 245 12.70 -17.21 -12.37
N SER B 246 13.58 -17.52 -13.30
CA SER B 246 13.58 -18.84 -13.93
C SER B 246 13.77 -19.94 -12.90
N PHE B 247 14.71 -19.72 -11.97
CA PHE B 247 14.97 -20.65 -10.88
C PHE B 247 13.79 -20.73 -9.90
N ALA B 248 13.30 -19.58 -9.48
CA ALA B 248 12.14 -19.54 -8.58
C ALA B 248 10.91 -20.31 -9.14
N VAL B 249 10.56 -20.05 -10.39
CA VAL B 249 9.34 -20.59 -10.98
C VAL B 249 9.52 -22.08 -11.26
N SER B 250 10.67 -22.44 -11.82
CA SER B 250 10.87 -23.83 -12.17
C SER B 250 10.88 -24.69 -10.91
N THR B 251 11.49 -24.19 -9.83
CA THR B 251 11.56 -24.92 -8.56
C THR B 251 10.18 -25.00 -7.91
N ALA B 252 9.45 -23.89 -7.93
CA ALA B 252 8.09 -23.86 -7.43
C ALA B 252 7.21 -24.88 -8.12
N LEU B 253 7.23 -24.88 -9.45
CA LEU B 253 6.40 -25.83 -10.21
C LEU B 253 6.84 -27.30 -9.99
N GLU B 254 8.15 -27.54 -10.03
CA GLU B 254 8.67 -28.88 -9.75
C GLU B 254 8.22 -29.40 -8.39
N GLN B 255 8.30 -28.55 -7.36
CA GLN B 255 7.96 -29.00 -6.00
C GLN B 255 6.44 -29.20 -5.84
N VAL B 256 5.65 -28.32 -6.43
CA VAL B 256 4.18 -28.45 -6.32
C VAL B 256 3.71 -29.70 -7.06
N VAL B 257 4.25 -29.93 -8.25
CA VAL B 257 3.92 -31.13 -9.03
C VAL B 257 4.43 -32.42 -8.35
N GLY B 258 5.60 -32.35 -7.73
CA GLY B 258 6.13 -33.47 -6.94
C GLY B 258 5.18 -33.81 -5.81
N ASN B 259 4.57 -32.80 -5.20
CA ASN B 259 3.58 -33.06 -4.15
C ASN B 259 2.31 -33.69 -4.73
N ILE B 260 1.81 -33.15 -5.83
CA ILE B 260 0.60 -33.68 -6.46
C ILE B 260 0.83 -35.16 -6.81
N ARG B 261 1.93 -35.42 -7.51
CA ARG B 261 2.16 -36.74 -8.08
C ARG B 261 2.76 -37.78 -7.12
N GLU B 262 3.57 -37.33 -6.17
CA GLU B 262 4.33 -38.27 -5.32
C GLU B 262 4.28 -37.96 -3.83
N SER B 263 3.45 -36.99 -3.42
CA SER B 263 3.35 -36.53 -2.04
C SER B 263 4.67 -36.01 -1.47
N LYS B 264 5.56 -35.53 -2.35
CA LYS B 264 6.83 -34.94 -1.92
C LYS B 264 6.56 -33.63 -1.21
N GLU B 265 7.43 -33.24 -0.30
CA GLU B 265 7.25 -32.03 0.49
C GLU B 265 7.47 -30.82 -0.40
N VAL B 266 6.63 -29.80 -0.23
CA VAL B 266 6.88 -28.48 -0.80
C VAL B 266 7.67 -27.71 0.25
N SER B 267 8.95 -27.48 -0.01
CA SER B 267 9.84 -26.88 0.98
C SER B 267 10.07 -25.40 0.75
N GLY B 268 9.85 -24.93 -0.48
CA GLY B 268 10.12 -23.55 -0.80
C GLY B 268 11.57 -23.41 -1.24
N ALA B 269 11.97 -22.18 -1.52
CA ALA B 269 13.35 -21.89 -1.92
C ALA B 269 13.65 -20.44 -1.57
N ASP B 270 14.65 -20.25 -0.72
CA ASP B 270 15.09 -18.93 -0.29
C ASP B 270 16.55 -18.80 -0.67
N TYR B 271 16.92 -17.69 -1.29
CA TYR B 271 18.28 -17.47 -1.73
C TYR B 271 18.52 -15.98 -1.92
N PRO B 272 19.78 -15.53 -1.85
CA PRO B 272 20.01 -14.11 -2.05
C PRO B 272 19.95 -13.78 -3.53
N PRO B 273 19.50 -12.57 -3.87
CA PRO B 273 19.55 -12.18 -5.26
C PRO B 273 20.99 -11.88 -5.59
N LYS B 274 21.33 -11.95 -6.86
CA LYS B 274 22.70 -11.75 -7.30
C LYS B 274 22.84 -10.32 -7.77
N ILE B 275 23.78 -9.58 -7.17
CA ILE B 275 24.02 -8.20 -7.59
C ILE B 275 24.79 -8.23 -8.91
N ILE B 276 24.26 -7.52 -9.91
CA ILE B 276 24.85 -7.46 -11.24
C ILE B 276 25.42 -6.07 -11.48
N LEU B 277 26.73 -5.99 -11.68
CA LEU B 277 27.41 -4.75 -12.04
C LEU B 277 28.01 -4.94 -13.43
N LYS B 278 28.63 -3.92 -13.98
CA LYS B 278 29.18 -4.05 -15.33
C LYS B 278 30.10 -5.28 -15.49
N ASP B 279 30.97 -5.52 -14.50
CA ASP B 279 31.96 -6.60 -14.57
C ASP B 279 31.40 -8.02 -14.53
N ASN B 280 30.15 -8.20 -14.12
CA ASN B 280 29.57 -9.54 -14.09
C ASN B 280 28.22 -9.64 -14.80
N LEU B 281 28.08 -8.88 -15.88
CA LEU B 281 26.83 -8.90 -16.66
C LEU B 281 26.43 -10.31 -17.10
N GLN B 282 27.44 -11.12 -17.45
CA GLN B 282 27.23 -12.49 -17.92
C GLN B 282 26.61 -13.43 -16.88
N GLU B 283 26.62 -13.07 -15.60
CA GLU B 283 25.97 -13.89 -14.56
C GLU B 283 24.46 -13.73 -14.50
N ALA B 284 23.90 -12.68 -15.13
CA ALA B 284 22.46 -12.51 -15.24
C ALA B 284 21.79 -13.63 -16.04
N GLU B 285 20.64 -14.10 -15.56
CA GLU B 285 19.86 -15.13 -16.28
C GLU B 285 19.59 -14.72 -17.73
N ARG B 286 19.37 -13.42 -17.96
CA ARG B 286 18.91 -12.95 -19.26
C ARG B 286 19.96 -12.16 -20.04
N PHE B 287 21.24 -12.42 -19.76
CA PHE B 287 22.36 -11.78 -20.44
C PHE B 287 22.25 -11.86 -21.96
N ALA B 288 21.88 -13.03 -22.47
CA ALA B 288 21.74 -13.25 -23.92
C ALA B 288 20.68 -12.34 -24.60
N GLU B 289 19.73 -11.80 -23.82
CA GLU B 289 18.71 -10.90 -24.35
C GLU B 289 19.15 -9.44 -24.52
N ILE B 290 20.32 -9.05 -24.04
CA ILE B 290 20.75 -7.65 -24.10
C ILE B 290 20.69 -7.11 -25.52
C1 INS C . -6.59 6.97 8.79
C2 INS C . -6.93 5.59 8.25
C3 INS C . -8.46 5.32 8.34
C4 INS C . -9.30 6.38 7.67
C5 INS C . -8.95 7.72 8.24
C6 INS C . -7.42 8.03 8.09
O1 INS C . -5.16 7.20 8.70
O2 INS C . -6.57 5.45 6.87
O3 INS C . -8.67 4.04 7.72
O4 INS C . -10.73 6.14 7.88
O5 INS C . -9.70 8.71 7.59
O6 INS C . -7.18 9.34 8.62
C2 BGC D . 2.60 16.78 -15.51
C3 BGC D . 3.58 15.90 -14.74
C4 BGC D . 4.90 15.74 -15.54
C5 BGC D . 5.44 17.08 -16.07
C6 BGC D . 6.61 16.93 -17.05
C1 BGC D . 3.26 18.09 -15.91
O1 BGC D . 2.30 18.87 -16.62
O2 BGC D . 1.41 17.11 -14.80
O3 BGC D . 2.95 14.63 -14.48
O4 BGC D . 5.96 15.11 -14.78
O5 BGC D . 4.41 17.83 -16.74
O6 BGC D . 7.70 17.79 -16.68
C1 INS E . 6.80 -6.20 -8.51
C2 INS E . 7.53 -5.57 -9.70
C3 INS E . 8.98 -5.31 -9.32
C4 INS E . 9.68 -6.61 -8.84
C5 INS E . 8.95 -7.22 -7.63
C6 INS E . 7.53 -7.49 -8.06
O1 INS E . 5.42 -6.45 -8.84
O2 INS E . 7.50 -6.43 -10.82
O3 INS E . 9.68 -4.71 -10.46
O4 INS E . 11.02 -6.31 -8.40
O5 INS E . 9.61 -8.45 -7.28
O6 INS E . 6.75 -8.09 -7.00
CL CL F . 10.54 13.27 0.27
N ASP G . 16.76 19.40 3.11
CA ASP G . 16.83 19.22 1.63
C ASP G . 15.49 18.69 1.10
O ASP G . 15.22 17.51 1.34
CB ASP G . 17.98 18.26 1.28
CG ASP G . 18.60 18.56 -0.08
OD1 ASP G . 19.36 17.72 -0.62
OD2 ASP G . 18.31 19.65 -0.60
OXT ASP G . 14.66 19.41 0.54
#